data_8W6R
#
_entry.id   8W6R
#
_cell.length_a   86.374
_cell.length_b   86.374
_cell.length_c   79.886
_cell.angle_alpha   90.00
_cell.angle_beta   90.00
_cell.angle_gamma   90.00
#
_symmetry.space_group_name_H-M   'P 41'
#
loop_
_entity.id
_entity.type
_entity.pdbx_description
1 polymer 'Acid sphingomyelinase-like phosphodiesterase 3a'
2 branched 2-acetamido-2-deoxy-beta-D-glucopyranose-(1-4)-2-acetamido-2-deoxy-beta-D-glucopyranose
3 non-polymer 2-acetamido-2-deoxy-beta-D-glucopyranose
4 non-polymer 'ZINC ION'
5 non-polymer 'SULFATE ION'
6 water water
#
_entity_poly.entity_id   1
_entity_poly.type   'polypeptide(L)'
_entity_poly.pdbx_seq_one_letter_code
;VPLAPADRAPAVGQFWHVTDLHLDPTYHITDDRTKVCASSKGANASNPGPFGDVLCDSPYQLILSAFDFIKNSGQEASFM
IWTGDSPPHVPVPELSTGTVIKVITNMTMTVQNLFPNLQVFPALGNHDYWPQDQLPIVTSKVYSAVADLWKPWLGEEAIS
TLKKGGFYSQKVASNPGLRIISLNTNLYYGPNIMTLNKTDPANQFEWLENTLNSSLWNKEKVYIIAHVPVGYLPYATDTP
AIRQYYNEKLLDIFRRYSSVIAGQFYGHTHRDSLMVLSDKNGNPLNSVFVAPAVTPVKGVLQKETNNPGVRLFQYKPGDY
TLLDMVQYYLNLTEANLKGESNWTLEYVLTQAYSVADLQPKSLYALVQQFATKDSKQFLKYYHYYFVSYDSSATCDQHCK
TLQVCAIMNLDSMSYDDCLKQH
;
_entity_poly.pdbx_strand_id   A
#
loop_
_chem_comp.id
_chem_comp.type
_chem_comp.name
_chem_comp.formula
NAG D-saccharide, beta linking 2-acetamido-2-deoxy-beta-D-glucopyranose 'C8 H15 N O6'
SO4 non-polymer 'SULFATE ION' 'O4 S -2'
ZN non-polymer 'ZINC ION' 'Zn 2'
#
# COMPACT_ATOMS: atom_id res chain seq x y z
N VAL A 12 1.89 23.75 3.99
CA VAL A 12 1.92 22.39 4.49
C VAL A 12 3.05 21.63 3.76
N GLY A 13 3.56 20.55 4.38
CA GLY A 13 4.39 19.63 3.66
C GLY A 13 3.54 18.58 2.93
N GLN A 14 4.13 17.93 1.92
CA GLN A 14 3.43 16.89 1.16
C GLN A 14 4.36 15.75 0.75
N PHE A 15 3.81 14.54 0.63
CA PHE A 15 4.56 13.42 0.07
C PHE A 15 3.64 12.53 -0.73
N TRP A 16 4.23 11.88 -1.74
CA TRP A 16 3.46 10.98 -2.59
C TRP A 16 3.53 9.54 -2.06
N HIS A 17 2.46 8.77 -2.28
CA HIS A 17 2.43 7.33 -2.03
C HIS A 17 1.97 6.63 -3.31
N VAL A 18 2.84 5.75 -3.86
CA VAL A 18 2.48 4.87 -4.97
C VAL A 18 2.74 3.43 -4.56
N THR A 19 2.00 2.49 -5.16
CA THR A 19 2.13 1.10 -4.71
C THR A 19 1.57 0.17 -5.77
N ASP A 20 2.05 -1.06 -5.75
CA ASP A 20 1.49 -2.15 -6.55
C ASP A 20 1.43 -1.77 -8.02
N LEU A 21 2.60 -1.41 -8.53
CA LEU A 21 2.76 -1.00 -9.92
C LEU A 21 2.50 -2.19 -10.85
N HIS A 22 3.06 -3.35 -10.55
CA HIS A 22 2.86 -4.60 -11.30
C HIS A 22 2.99 -4.41 -12.81
N LEU A 23 4.19 -4.04 -13.25
CA LEU A 23 4.45 -3.93 -14.68
C LEU A 23 4.35 -5.29 -15.36
N ASP A 24 3.62 -5.33 -16.48
CA ASP A 24 3.63 -6.51 -17.34
C ASP A 24 4.38 -6.14 -18.62
N PRO A 25 5.65 -6.52 -18.78
CA PRO A 25 6.40 -6.10 -19.96
C PRO A 25 5.85 -6.67 -21.25
N THR A 26 4.96 -7.65 -21.20
CA THR A 26 4.44 -8.28 -22.42
C THR A 26 3.23 -7.56 -22.99
N TYR A 27 2.69 -6.57 -22.29
CA TYR A 27 1.43 -5.99 -22.72
C TYR A 27 1.57 -5.43 -24.11
N HIS A 28 0.66 -5.78 -25.00
CA HIS A 28 0.64 -5.04 -26.26
C HIS A 28 -0.71 -5.28 -26.91
N ILE A 29 -1.27 -4.25 -27.58
CA ILE A 29 -2.57 -4.46 -28.20
C ILE A 29 -2.38 -5.33 -29.43
N THR A 30 -3.24 -6.33 -29.59
CA THR A 30 -3.16 -7.22 -30.73
C THR A 30 -4.52 -7.88 -30.90
N ASP A 31 -4.77 -8.39 -32.11
CA ASP A 31 -6.10 -8.91 -32.43
C ASP A 31 -6.51 -10.05 -31.51
N ASP A 32 -5.63 -11.01 -31.25
CA ASP A 32 -5.99 -12.13 -30.42
C ASP A 32 -5.85 -11.68 -28.96
N ARG A 33 -6.98 -11.50 -28.29
CA ARG A 33 -6.98 -10.88 -26.96
C ARG A 33 -6.45 -11.82 -25.89
N THR A 34 -6.24 -13.10 -26.19
CA THR A 34 -5.54 -13.98 -25.26
C THR A 34 -4.04 -13.79 -25.29
N LYS A 35 -3.52 -12.98 -26.23
CA LYS A 35 -2.09 -12.72 -26.35
C LYS A 35 -1.75 -11.27 -26.06
N VAL A 36 -2.70 -10.50 -25.51
CA VAL A 36 -2.46 -9.10 -25.20
C VAL A 36 -1.51 -8.98 -24.00
N CYS A 37 -1.67 -9.84 -22.99
CA CYS A 37 -0.84 -9.75 -21.79
C CYS A 37 -0.65 -11.13 -21.19
N ALA A 38 0.58 -11.44 -20.80
CA ALA A 38 0.83 -12.71 -20.12
C ALA A 38 0.15 -12.78 -18.77
N SER A 39 -0.13 -11.64 -18.15
CA SER A 39 -0.79 -11.63 -16.85
C SER A 39 -2.27 -11.98 -16.92
N SER A 40 -2.88 -12.02 -18.10
CA SER A 40 -4.23 -12.57 -18.21
C SER A 40 -4.23 -14.09 -18.21
N LYS A 41 -3.07 -14.71 -18.41
CA LYS A 41 -2.91 -16.15 -18.30
C LYS A 41 -3.84 -16.89 -19.27
N GLY A 42 -3.91 -16.41 -20.51
CA GLY A 42 -4.65 -17.09 -21.55
C GLY A 42 -6.11 -16.72 -21.65
N ALA A 43 -6.63 -15.97 -20.68
CA ALA A 43 -7.98 -15.44 -20.80
C ALA A 43 -7.98 -14.24 -21.73
N ASN A 44 -9.07 -14.09 -22.47
CA ASN A 44 -9.22 -12.93 -23.33
C ASN A 44 -9.23 -11.66 -22.48
N ALA A 45 -8.29 -10.76 -22.76
CA ALA A 45 -8.43 -9.39 -22.25
C ALA A 45 -9.83 -8.88 -22.56
N SER A 46 -10.47 -8.25 -21.56
CA SER A 46 -11.88 -7.94 -21.68
C SER A 46 -12.12 -6.83 -22.69
N ASN A 47 -11.44 -5.69 -22.53
CA ASN A 47 -11.67 -4.60 -23.47
C ASN A 47 -10.40 -3.76 -23.53
N PRO A 48 -9.34 -4.30 -24.13
CA PRO A 48 -7.99 -3.82 -23.84
C PRO A 48 -7.65 -2.56 -24.61
N GLY A 49 -6.96 -1.65 -23.93
CA GLY A 49 -6.56 -0.40 -24.53
C GLY A 49 -5.12 -0.10 -24.17
N PRO A 50 -4.63 1.08 -24.59
CA PRO A 50 -3.21 1.40 -24.38
C PRO A 50 -2.84 1.55 -22.91
N PHE A 51 -3.80 1.81 -22.04
CA PHE A 51 -3.52 2.01 -20.63
C PHE A 51 -3.78 0.77 -19.79
N GLY A 52 -4.27 -0.33 -20.41
CA GLY A 52 -4.39 -1.62 -19.78
C GLY A 52 -5.73 -2.28 -20.07
N ASP A 53 -6.07 -3.23 -19.20
CA ASP A 53 -7.30 -4.02 -19.25
C ASP A 53 -7.53 -4.58 -17.85
N VAL A 54 -8.80 -4.73 -17.45
CA VAL A 54 -9.06 -5.21 -16.09
C VAL A 54 -8.52 -6.62 -15.87
N LEU A 55 -8.27 -7.37 -16.94
CA LEU A 55 -7.71 -8.71 -16.78
C LEU A 55 -6.20 -8.74 -16.93
N CYS A 56 -5.58 -7.58 -17.14
CA CYS A 56 -4.15 -7.47 -17.29
C CYS A 56 -3.56 -6.66 -16.13
N ASP A 57 -2.28 -6.91 -15.89
CA ASP A 57 -1.44 -6.01 -15.12
C ASP A 57 -1.03 -4.81 -16.00
N SER A 58 -0.20 -3.92 -15.42
CA SER A 58 0.02 -2.56 -15.92
C SER A 58 0.88 -2.54 -17.17
N PRO A 59 0.43 -1.92 -18.27
CA PRO A 59 1.37 -1.64 -19.36
C PRO A 59 2.36 -0.60 -18.89
N TYR A 60 3.57 -0.63 -19.46
CA TYR A 60 4.53 0.43 -19.14
C TYR A 60 3.90 1.81 -19.33
N GLN A 61 3.03 1.95 -20.34
CA GLN A 61 2.46 3.25 -20.67
C GLN A 61 1.64 3.79 -19.51
N LEU A 62 0.93 2.90 -18.81
CA LEU A 62 0.14 3.32 -17.65
C LEU A 62 1.03 3.80 -16.51
N ILE A 63 2.03 2.99 -16.13
CA ILE A 63 2.92 3.35 -15.02
C ILE A 63 3.61 4.68 -15.32
N LEU A 64 4.12 4.82 -16.54
CA LEU A 64 4.74 6.07 -16.94
C LEU A 64 3.75 7.21 -16.86
N SER A 65 2.49 7.00 -17.26
CA SER A 65 1.54 8.13 -17.22
C SER A 65 1.25 8.53 -15.78
N ALA A 66 1.26 7.57 -14.85
CA ALA A 66 1.09 7.92 -13.44
C ALA A 66 2.26 8.78 -12.95
N PHE A 67 3.49 8.34 -13.20
CA PHE A 67 4.61 9.14 -12.72
C PHE A 67 4.70 10.48 -13.45
N ASP A 68 4.34 10.53 -14.74
CA ASP A 68 4.34 11.79 -15.46
C ASP A 68 3.30 12.76 -14.89
N PHE A 69 2.13 12.23 -14.52
CA PHE A 69 1.13 13.06 -13.87
C PHE A 69 1.71 13.64 -12.59
N ILE A 70 2.35 12.79 -11.78
CA ILE A 70 2.93 13.26 -10.53
C ILE A 70 3.95 14.37 -10.81
N LYS A 71 4.84 14.13 -11.77
CA LYS A 71 5.88 15.10 -12.11
C LYS A 71 5.28 16.44 -12.51
N ASN A 72 4.18 16.43 -13.28
CA ASN A 72 3.65 17.67 -13.82
C ASN A 72 2.47 18.22 -13.03
N SER A 73 2.13 17.62 -11.88
CA SER A 73 0.89 17.96 -11.18
C SER A 73 0.87 19.39 -10.67
N GLY A 74 2.01 20.05 -10.54
CA GLY A 74 2.04 21.30 -9.83
C GLY A 74 2.00 21.14 -8.33
N GLN A 75 1.99 19.92 -7.82
CA GLN A 75 2.02 19.67 -6.39
C GLN A 75 3.47 19.64 -5.91
N GLU A 76 3.72 20.33 -4.82
CA GLU A 76 5.01 20.26 -4.16
C GLU A 76 5.02 19.01 -3.30
N ALA A 77 6.10 18.26 -3.38
CA ALA A 77 6.22 17.13 -2.48
C ALA A 77 7.69 17.00 -2.13
N SER A 78 7.98 16.70 -0.87
CA SER A 78 9.37 16.59 -0.45
C SER A 78 9.89 15.15 -0.41
N PHE A 79 9.02 14.15 -0.57
CA PHE A 79 9.51 12.80 -0.72
C PHE A 79 8.39 11.93 -1.27
N MET A 80 8.73 10.65 -1.47
CA MET A 80 7.77 9.68 -1.98
C MET A 80 7.97 8.37 -1.23
N ILE A 81 6.87 7.69 -0.91
CA ILE A 81 6.93 6.32 -0.42
C ILE A 81 6.33 5.40 -1.48
N TRP A 82 6.90 4.20 -1.57
CA TRP A 82 6.61 3.29 -2.68
C TRP A 82 6.59 1.88 -2.12
N THR A 83 5.39 1.33 -1.90
CA THR A 83 5.29 0.15 -1.04
C THR A 83 5.14 -1.17 -1.79
N GLY A 84 5.91 -1.40 -2.87
CA GLY A 84 6.18 -2.77 -3.31
C GLY A 84 5.30 -3.29 -4.42
N ASP A 85 5.55 -4.56 -4.77
CA ASP A 85 4.96 -5.32 -5.87
C ASP A 85 5.12 -4.81 -7.29
N SER A 86 6.31 -5.01 -7.84
CA SER A 86 6.57 -4.48 -9.17
C SER A 86 6.43 -5.53 -10.27
N PRO A 87 6.76 -6.81 -10.06
CA PRO A 87 6.56 -7.80 -11.13
C PRO A 87 5.09 -8.12 -11.30
N PRO A 88 4.71 -8.68 -12.46
CA PRO A 88 3.31 -8.95 -12.76
C PRO A 88 2.83 -10.29 -12.20
N HIS A 89 1.52 -10.47 -12.30
CA HIS A 89 0.86 -11.68 -11.80
C HIS A 89 0.93 -12.72 -12.91
N VAL A 90 2.05 -13.45 -12.95
CA VAL A 90 2.17 -14.61 -13.85
C VAL A 90 2.70 -15.78 -13.05
N PRO A 91 2.45 -17.01 -13.49
CA PRO A 91 2.89 -18.16 -12.70
C PRO A 91 4.40 -18.13 -12.45
N VAL A 92 4.79 -18.63 -11.29
CA VAL A 92 6.18 -18.71 -10.84
C VAL A 92 7.13 -19.20 -11.93
N PRO A 93 6.85 -20.28 -12.67
CA PRO A 93 7.81 -20.71 -13.70
C PRO A 93 8.01 -19.71 -14.83
N GLU A 94 7.11 -18.73 -15.03
CA GLU A 94 7.34 -17.74 -16.08
C GLU A 94 8.19 -16.58 -15.62
N LEU A 95 8.67 -16.60 -14.39
CA LEU A 95 9.59 -15.60 -13.86
C LEU A 95 10.88 -16.29 -13.39
N SER A 96 11.81 -15.46 -12.94
CA SER A 96 13.05 -15.93 -12.34
C SER A 96 13.57 -14.83 -11.43
N THR A 97 14.62 -15.15 -10.67
CA THR A 97 15.26 -14.12 -9.86
C THR A 97 15.75 -12.97 -10.74
N GLY A 98 16.36 -13.30 -11.89
CA GLY A 98 16.87 -12.27 -12.78
C GLY A 98 15.78 -11.39 -13.37
N THR A 99 14.63 -11.98 -13.69
CA THR A 99 13.54 -11.18 -14.26
C THR A 99 12.87 -10.30 -13.19
N VAL A 100 12.68 -10.84 -11.98
CA VAL A 100 12.19 -10.02 -10.89
C VAL A 100 13.08 -8.81 -10.68
N ILE A 101 14.40 -9.04 -10.60
CA ILE A 101 15.31 -7.92 -10.46
C ILE A 101 15.22 -6.98 -11.64
N LYS A 102 15.02 -7.52 -12.85
CA LYS A 102 15.06 -6.59 -13.97
C LYS A 102 13.86 -5.63 -13.88
N VAL A 103 12.69 -6.16 -13.49
CA VAL A 103 11.50 -5.32 -13.40
C VAL A 103 11.63 -4.31 -12.26
N ILE A 104 12.13 -4.73 -11.10
CA ILE A 104 12.34 -3.79 -10.00
C ILE A 104 13.33 -2.71 -10.43
N THR A 105 14.36 -3.11 -11.16
CA THR A 105 15.33 -2.16 -11.70
C THR A 105 14.65 -1.16 -12.61
N ASN A 106 13.77 -1.63 -13.48
CA ASN A 106 13.08 -0.73 -14.41
C ASN A 106 12.23 0.29 -13.67
N MET A 107 11.44 -0.17 -12.70
CA MET A 107 10.62 0.74 -11.88
C MET A 107 11.49 1.75 -11.14
N THR A 108 12.56 1.27 -10.49
CA THR A 108 13.46 2.14 -9.74
C THR A 108 14.09 3.19 -10.64
N MET A 109 14.54 2.79 -11.84
CA MET A 109 15.20 3.72 -12.74
C MET A 109 14.21 4.67 -13.38
N THR A 110 12.97 4.24 -13.61
CA THR A 110 11.95 5.19 -14.05
C THR A 110 11.82 6.30 -13.04
N VAL A 111 11.71 5.94 -11.75
CA VAL A 111 11.57 6.95 -10.71
C VAL A 111 12.82 7.82 -10.62
N GLN A 112 14.01 7.21 -10.63
CA GLN A 112 15.22 8.04 -10.49
C GLN A 112 15.45 8.93 -11.71
N ASN A 113 15.11 8.45 -12.90
CA ASN A 113 15.21 9.28 -14.09
C ASN A 113 14.25 10.46 -14.03
N LEU A 114 13.01 10.23 -13.61
CA LEU A 114 12.03 11.32 -13.62
C LEU A 114 12.15 12.25 -12.42
N PHE A 115 12.61 11.76 -11.27
CA PHE A 115 12.65 12.55 -10.04
C PHE A 115 14.04 12.55 -9.42
N PRO A 116 15.07 13.01 -10.16
CA PRO A 116 16.46 12.83 -9.69
C PRO A 116 16.73 13.36 -8.29
N ASN A 117 16.01 14.38 -7.83
CA ASN A 117 16.29 15.01 -6.55
C ASN A 117 15.30 14.65 -5.45
N LEU A 118 14.46 13.63 -5.67
CA LEU A 118 13.40 13.29 -4.73
C LEU A 118 13.77 12.01 -3.98
N GLN A 119 13.84 12.11 -2.65
CA GLN A 119 14.10 10.92 -1.85
C GLN A 119 12.88 10.01 -1.90
N VAL A 120 13.12 8.74 -2.17
CA VAL A 120 12.05 7.75 -2.24
C VAL A 120 12.36 6.66 -1.25
N PHE A 121 11.33 6.20 -0.54
CA PHE A 121 11.44 5.16 0.47
C PHE A 121 10.64 3.95 -0.02
N PRO A 122 11.31 2.95 -0.60
CA PRO A 122 10.60 1.76 -1.05
C PRO A 122 10.45 0.72 0.07
N ALA A 123 9.44 -0.13 -0.10
CA ALA A 123 9.27 -1.33 0.69
C ALA A 123 9.08 -2.48 -0.30
N LEU A 124 9.49 -3.69 0.12
CA LEU A 124 9.32 -4.87 -0.71
C LEU A 124 7.90 -5.42 -0.61
N GLY A 125 7.37 -5.86 -1.75
CA GLY A 125 6.10 -6.55 -1.79
C GLY A 125 6.30 -8.04 -1.95
N ASN A 126 5.22 -8.80 -1.79
CA ASN A 126 5.37 -10.25 -1.84
C ASN A 126 5.76 -10.72 -3.23
N HIS A 127 5.46 -9.96 -4.29
CA HIS A 127 5.91 -10.35 -5.62
C HIS A 127 7.35 -9.91 -5.91
N ASP A 128 7.96 -9.13 -5.02
CA ASP A 128 9.30 -8.62 -5.27
C ASP A 128 10.35 -9.66 -4.87
N TYR A 129 10.14 -10.90 -5.29
CA TYR A 129 11.02 -12.02 -4.98
C TYR A 129 10.64 -13.19 -5.87
N TRP A 130 11.60 -14.06 -6.14
CA TRP A 130 11.34 -15.28 -6.89
C TRP A 130 11.72 -16.52 -6.08
N PRO A 131 10.80 -17.47 -5.84
CA PRO A 131 9.37 -17.41 -6.19
C PRO A 131 8.65 -16.37 -5.35
N GLN A 132 7.54 -15.83 -5.87
CA GLN A 132 6.77 -14.85 -5.12
C GLN A 132 6.40 -15.42 -3.76
N ASP A 133 6.29 -14.52 -2.80
CA ASP A 133 5.87 -14.77 -1.42
C ASP A 133 6.96 -15.38 -0.55
N GLN A 134 8.00 -15.98 -1.14
CA GLN A 134 8.99 -16.74 -0.36
C GLN A 134 10.18 -15.89 0.04
N LEU A 135 9.89 -14.73 0.61
CA LEU A 135 10.95 -13.82 1.05
C LEU A 135 11.64 -14.45 2.26
N PRO A 136 12.97 -14.50 2.28
CA PRO A 136 13.68 -15.23 3.33
C PRO A 136 14.08 -14.31 4.48
N ILE A 137 14.53 -14.94 5.55
CA ILE A 137 14.95 -14.25 6.77
C ILE A 137 16.46 -14.06 6.83
N VAL A 138 17.17 -14.32 5.75
CA VAL A 138 18.61 -14.10 5.63
C VAL A 138 18.87 -13.39 4.30
N THR A 139 20.13 -13.01 4.08
CA THR A 139 20.45 -12.25 2.89
C THR A 139 20.21 -13.08 1.63
N SER A 140 19.94 -12.38 0.53
CA SER A 140 19.54 -13.02 -0.72
C SER A 140 19.97 -12.16 -1.90
N LYS A 141 19.91 -12.76 -3.09
CA LYS A 141 20.19 -12.00 -4.32
C LYS A 141 19.28 -10.78 -4.41
N VAL A 142 17.98 -10.97 -4.21
CA VAL A 142 17.04 -9.85 -4.36
C VAL A 142 17.31 -8.77 -3.31
N TYR A 143 17.54 -9.16 -2.05
CA TYR A 143 17.81 -8.15 -1.04
C TYR A 143 19.06 -7.34 -1.39
N SER A 144 20.12 -8.02 -1.83
CA SER A 144 21.35 -7.30 -2.23
C SER A 144 21.12 -6.41 -3.45
N ALA A 145 20.37 -6.90 -4.44
CA ALA A 145 20.12 -6.11 -5.64
C ALA A 145 19.31 -4.86 -5.31
N VAL A 146 18.28 -4.98 -4.45
CA VAL A 146 17.51 -3.77 -4.16
C VAL A 146 18.29 -2.86 -3.22
N ALA A 147 19.21 -3.42 -2.41
CA ALA A 147 20.10 -2.54 -1.67
C ALA A 147 20.91 -1.67 -2.62
N ASP A 148 21.52 -2.28 -3.64
CA ASP A 148 22.25 -1.49 -4.64
C ASP A 148 21.34 -0.48 -5.33
N LEU A 149 20.15 -0.92 -5.74
CA LEU A 149 19.26 -0.05 -6.49
C LEU A 149 18.80 1.16 -5.68
N TRP A 150 18.57 0.98 -4.38
CA TRP A 150 17.97 2.02 -3.56
C TRP A 150 18.99 2.78 -2.75
N LYS A 151 20.27 2.45 -2.93
CA LYS A 151 21.37 3.17 -2.28
C LYS A 151 21.34 4.69 -2.45
N PRO A 152 20.89 5.28 -3.56
CA PRO A 152 20.75 6.75 -3.58
C PRO A 152 19.90 7.33 -2.46
N TRP A 153 18.97 6.56 -1.90
CA TRP A 153 18.03 7.07 -0.92
C TRP A 153 18.34 6.66 0.51
N LEU A 154 19.26 5.71 0.69
CA LEU A 154 19.47 4.99 1.95
C LEU A 154 20.91 5.11 2.41
N GLY A 155 21.10 5.22 3.73
CA GLY A 155 22.42 5.26 4.33
C GLY A 155 22.95 3.87 4.64
N GLU A 156 24.17 3.84 5.20
CA GLU A 156 24.88 2.58 5.40
C GLU A 156 24.08 1.60 6.26
N GLU A 157 23.50 2.08 7.36
CA GLU A 157 22.81 1.16 8.27
C GLU A 157 21.55 0.62 7.63
N ALA A 158 20.81 1.48 6.92
CA ALA A 158 19.62 1.04 6.21
C ALA A 158 19.96 0.01 5.15
N ILE A 159 21.06 0.25 4.43
CA ILE A 159 21.52 -0.70 3.41
C ILE A 159 21.86 -2.05 4.03
N SER A 160 22.51 -2.04 5.19
CA SER A 160 22.89 -3.29 5.85
C SER A 160 21.67 -4.09 6.30
N THR A 161 20.68 -3.43 6.92
CA THR A 161 19.49 -4.17 7.33
C THR A 161 18.68 -4.62 6.12
N LEU A 162 18.59 -3.77 5.10
CA LEU A 162 17.89 -4.14 3.87
C LEU A 162 18.50 -5.41 3.25
N LYS A 163 19.83 -5.46 3.12
CA LYS A 163 20.41 -6.69 2.56
C LYS A 163 20.20 -7.89 3.46
N LYS A 164 20.12 -7.71 4.78
CA LYS A 164 19.95 -8.90 5.62
C LYS A 164 18.51 -9.42 5.62
N GLY A 165 17.51 -8.55 5.74
CA GLY A 165 16.16 -9.05 5.92
C GLY A 165 15.06 -8.31 5.17
N GLY A 166 15.44 -7.32 4.35
CA GLY A 166 14.49 -6.60 3.52
C GLY A 166 13.78 -5.44 4.19
N PHE A 167 14.33 -4.92 5.27
CA PHE A 167 13.70 -3.83 5.99
C PHE A 167 14.77 -2.82 6.37
N TYR A 168 14.33 -1.60 6.70
CA TYR A 168 15.28 -0.57 7.10
C TYR A 168 14.52 0.56 7.76
N SER A 169 15.26 1.49 8.37
CA SER A 169 14.72 2.80 8.69
C SER A 169 15.68 3.83 8.11
N GLN A 170 15.15 5.03 7.85
CA GLN A 170 15.93 6.06 7.18
C GLN A 170 15.35 7.43 7.51
N LYS A 171 16.23 8.36 7.89
CA LYS A 171 15.85 9.74 8.08
C LYS A 171 15.38 10.34 6.77
N VAL A 172 14.43 11.28 6.84
CA VAL A 172 13.95 11.99 5.68
C VAL A 172 14.77 13.28 5.58
N ALA A 173 15.63 13.35 4.54
CA ALA A 173 16.59 14.44 4.40
C ALA A 173 15.92 15.81 4.46
N SER A 174 14.85 15.98 3.67
CA SER A 174 14.10 17.23 3.58
C SER A 174 13.23 17.54 4.79
N ASN A 175 13.14 16.65 5.79
CA ASN A 175 12.21 16.80 6.92
C ASN A 175 12.85 16.43 8.24
N PRO A 176 13.66 17.32 8.80
CA PRO A 176 14.39 16.99 10.04
C PRO A 176 13.43 16.58 11.16
N GLY A 177 13.80 15.53 11.87
CA GLY A 177 12.95 14.99 12.90
C GLY A 177 11.96 13.96 12.41
N LEU A 178 11.98 13.61 11.13
CA LEU A 178 11.12 12.56 10.56
C LEU A 178 11.97 11.39 10.12
N ARG A 179 11.52 10.18 10.46
CA ARG A 179 12.18 8.93 10.09
C ARG A 179 11.14 8.00 9.50
N ILE A 180 11.48 7.34 8.41
CA ILE A 180 10.61 6.29 7.85
C ILE A 180 11.14 4.93 8.27
N ILE A 181 10.23 4.07 8.73
CA ILE A 181 10.53 2.67 9.02
C ILE A 181 9.83 1.88 7.94
N SER A 182 10.61 1.20 7.10
CA SER A 182 10.08 0.38 6.01
C SER A 182 10.22 -1.09 6.42
N LEU A 183 9.09 -1.69 6.81
CA LEU A 183 9.03 -3.06 7.27
C LEU A 183 8.88 -4.01 6.09
N ASN A 184 9.42 -5.21 6.27
CA ASN A 184 9.15 -6.35 5.40
C ASN A 184 8.02 -7.16 6.05
N THR A 185 6.78 -6.76 5.80
CA THR A 185 5.69 -7.56 6.37
C THR A 185 5.39 -8.82 5.57
N ASN A 186 6.05 -9.01 4.43
CA ASN A 186 5.91 -10.27 3.71
C ASN A 186 6.46 -11.42 4.52
N LEU A 187 7.34 -11.13 5.49
CA LEU A 187 7.82 -12.16 6.40
C LEU A 187 6.68 -12.74 7.23
N TYR A 188 5.55 -12.03 7.31
CA TYR A 188 4.41 -12.43 8.14
C TYR A 188 3.25 -12.93 7.31
N TYR A 189 3.37 -12.84 6.00
CA TYR A 189 2.28 -13.13 5.09
C TYR A 189 2.04 -14.63 5.02
N GLY A 190 0.76 -15.04 5.10
CA GLY A 190 0.39 -16.45 5.17
C GLY A 190 1.08 -17.39 4.19
N PRO A 191 1.08 -17.03 2.90
CA PRO A 191 1.74 -17.89 1.91
C PRO A 191 3.26 -17.97 2.01
N ASN A 192 3.93 -17.21 2.89
CA ASN A 192 5.39 -17.32 2.98
C ASN A 192 5.76 -18.59 3.76
N ILE A 193 6.26 -19.61 3.07
CA ILE A 193 6.57 -20.86 3.75
C ILE A 193 7.98 -20.83 4.34
N MET A 194 8.72 -19.76 4.12
CA MET A 194 10.06 -19.60 4.67
C MET A 194 10.06 -19.23 6.16
N THR A 195 8.93 -18.78 6.70
CA THR A 195 8.87 -18.21 8.05
C THR A 195 7.88 -18.92 8.96
N LEU A 196 7.45 -20.13 8.61
CA LEU A 196 6.47 -20.82 9.45
C LEU A 196 7.03 -21.10 10.84
N ASN A 197 6.27 -20.66 11.85
CA ASN A 197 6.51 -20.93 13.26
C ASN A 197 7.75 -20.23 13.82
N LYS A 198 8.32 -19.25 13.12
CA LYS A 198 9.33 -18.37 13.71
C LYS A 198 8.70 -17.31 14.61
N THR A 199 9.23 -17.10 15.81
CA THR A 199 8.65 -16.11 16.70
C THR A 199 9.02 -14.69 16.29
N ASP A 200 10.22 -14.48 15.76
CA ASP A 200 10.69 -13.17 15.32
C ASP A 200 11.53 -13.31 14.05
N PRO A 201 10.89 -13.58 12.91
CA PRO A 201 11.64 -13.72 11.65
C PRO A 201 12.54 -12.54 11.32
N ALA A 202 13.77 -12.85 10.93
CA ALA A 202 14.81 -11.88 10.60
C ALA A 202 15.07 -10.89 11.74
N ASN A 203 14.59 -11.23 12.95
CA ASN A 203 14.71 -10.35 14.12
C ASN A 203 14.11 -8.98 13.85
N GLN A 204 13.05 -8.94 13.03
CA GLN A 204 12.48 -7.63 12.70
C GLN A 204 11.71 -7.00 13.87
N PHE A 205 11.10 -7.80 14.75
CA PHE A 205 10.38 -7.21 15.89
C PHE A 205 11.36 -6.55 16.85
N GLU A 206 12.40 -7.28 17.26
CA GLU A 206 13.44 -6.72 18.13
C GLU A 206 14.03 -5.45 17.54
N TRP A 207 14.42 -5.53 16.27
CA TRP A 207 14.93 -4.36 15.55
C TRP A 207 13.92 -3.22 15.57
N LEU A 208 12.65 -3.52 15.26
CA LEU A 208 11.64 -2.47 15.23
C LEU A 208 11.54 -1.81 16.59
N GLU A 209 11.53 -2.62 17.66
CA GLU A 209 11.43 -2.04 18.99
C GLU A 209 12.64 -1.16 19.26
N ASN A 210 13.83 -1.67 18.93
CA ASN A 210 15.05 -0.90 19.12
C ASN A 210 14.98 0.41 18.37
N THR A 211 14.49 0.36 17.13
CA THR A 211 14.42 1.56 16.32
C THR A 211 13.45 2.56 16.92
N LEU A 212 12.28 2.08 17.34
CA LEU A 212 11.31 3.03 17.88
C LEU A 212 11.85 3.65 19.15
N ASN A 213 12.58 2.86 19.96
CA ASN A 213 13.15 3.43 21.17
C ASN A 213 14.09 4.58 20.82
N SER A 214 14.94 4.39 19.81
CA SER A 214 15.90 5.43 19.45
C SER A 214 15.17 6.68 18.99
N SER A 215 14.08 6.50 18.22
CA SER A 215 13.34 7.67 17.75
C SER A 215 12.70 8.40 18.91
N LEU A 216 12.16 7.66 19.89
CA LEU A 216 11.71 8.32 21.11
C LEU A 216 12.82 9.20 21.64
N TRP A 217 14.00 8.64 21.85
CA TRP A 217 14.99 9.43 22.56
C TRP A 217 15.68 10.47 21.67
N ASN A 218 15.63 10.30 20.35
CA ASN A 218 16.12 11.33 19.42
C ASN A 218 15.07 12.36 19.07
N LYS A 219 13.90 12.29 19.70
CA LYS A 219 12.82 13.25 19.46
C LYS A 219 12.37 13.26 17.99
N GLU A 220 12.33 12.08 17.38
CA GLU A 220 11.86 11.93 16.01
C GLU A 220 10.39 11.52 16.00
N LYS A 221 9.69 11.88 14.92
CA LYS A 221 8.43 11.23 14.56
C LYS A 221 8.69 10.18 13.49
N VAL A 222 7.83 9.14 13.49
CA VAL A 222 8.00 7.97 12.64
C VAL A 222 6.76 7.76 11.77
N TYR A 223 6.98 7.52 10.48
CA TYR A 223 5.98 6.99 9.57
C TYR A 223 6.35 5.55 9.24
N ILE A 224 5.43 4.61 9.51
CA ILE A 224 5.61 3.19 9.15
C ILE A 224 5.15 3.00 7.71
N ILE A 225 5.96 2.32 6.90
CA ILE A 225 5.49 1.89 5.58
C ILE A 225 5.76 0.40 5.47
N ALA A 226 4.88 -0.30 4.76
CA ALA A 226 5.11 -1.70 4.45
C ALA A 226 4.19 -2.08 3.32
N HIS A 227 4.37 -3.29 2.81
CA HIS A 227 3.47 -3.74 1.74
C HIS A 227 2.17 -4.31 2.32
N VAL A 228 2.26 -5.50 2.92
CA VAL A 228 1.05 -6.11 3.48
C VAL A 228 0.68 -5.39 4.76
N PRO A 229 -0.58 -5.00 4.95
CA PRO A 229 -0.95 -4.20 6.12
C PRO A 229 -1.26 -5.08 7.33
N VAL A 230 -1.35 -4.41 8.48
CA VAL A 230 -1.87 -5.03 9.70
C VAL A 230 -3.39 -5.08 9.57
N GLY A 231 -4.04 -5.75 10.51
CA GLY A 231 -5.51 -5.76 10.55
C GLY A 231 -6.14 -6.83 9.71
N TYR A 232 -7.47 -6.72 9.57
CA TYR A 232 -8.25 -7.74 8.89
C TYR A 232 -8.65 -7.30 7.49
N LEU A 233 -8.75 -8.26 6.58
CA LEU A 233 -9.19 -7.95 5.23
C LEU A 233 -10.67 -7.58 5.30
N PRO A 234 -11.09 -6.44 4.72
CA PRO A 234 -12.44 -5.94 5.00
C PRO A 234 -13.54 -6.59 4.19
N TYR A 235 -13.21 -7.43 3.22
CA TYR A 235 -14.18 -8.13 2.40
C TYR A 235 -14.40 -9.57 2.84
N ALA A 236 -13.67 -10.03 3.85
CA ALA A 236 -13.72 -11.43 4.27
C ALA A 236 -14.02 -11.50 5.76
N THR A 237 -14.42 -12.68 6.23
CA THR A 237 -14.73 -12.86 7.65
C THR A 237 -13.50 -13.40 8.36
N ASP A 238 -12.99 -12.63 9.33
CA ASP A 238 -11.97 -13.14 10.25
C ASP A 238 -10.75 -13.69 9.49
N THR A 239 -10.25 -12.87 8.56
CA THR A 239 -9.06 -13.20 7.78
C THR A 239 -8.07 -12.05 7.88
N PRO A 240 -7.11 -12.12 8.80
CA PRO A 240 -6.11 -11.04 8.88
C PRO A 240 -5.19 -11.08 7.68
N ALA A 241 -4.68 -9.89 7.31
CA ALA A 241 -3.85 -9.78 6.11
C ALA A 241 -2.52 -10.51 6.29
N ILE A 242 -1.93 -10.43 7.48
CA ILE A 242 -0.80 -11.28 7.86
C ILE A 242 -1.30 -12.27 8.92
N ARG A 243 -0.51 -13.31 9.17
CA ARG A 243 -0.92 -14.32 10.15
C ARG A 243 -1.25 -13.66 11.49
N GLN A 244 -2.28 -14.19 12.17
CA GLN A 244 -2.76 -13.59 13.43
C GLN A 244 -1.65 -13.43 14.48
N TYR A 245 -0.82 -14.46 14.67
CA TYR A 245 0.27 -14.35 15.64
C TYR A 245 1.11 -13.10 15.39
N TYR A 246 1.50 -12.89 14.12
CA TYR A 246 2.32 -11.73 13.80
C TYR A 246 1.51 -10.44 13.85
N ASN A 247 0.26 -10.45 13.38
CA ASN A 247 -0.57 -9.25 13.48
C ASN A 247 -0.65 -8.76 14.93
N GLU A 248 -0.92 -9.69 15.86
CA GLU A 248 -1.05 -9.29 17.27
C GLU A 248 0.28 -8.75 17.80
N LYS A 249 1.40 -9.38 17.43
CA LYS A 249 2.69 -8.92 17.97
C LYS A 249 3.06 -7.53 17.42
N LEU A 250 2.85 -7.34 16.12
CA LEU A 250 3.10 -6.06 15.47
C LEU A 250 2.20 -4.96 16.07
N LEU A 251 0.91 -5.25 16.23
CA LEU A 251 0.00 -4.26 16.79
C LEU A 251 0.37 -3.91 18.23
N ASP A 252 0.89 -4.87 18.99
CA ASP A 252 1.29 -4.53 20.35
C ASP A 252 2.41 -3.49 20.31
N ILE A 253 3.39 -3.71 19.42
CA ILE A 253 4.47 -2.72 19.26
C ILE A 253 3.91 -1.36 18.86
N PHE A 254 3.02 -1.34 17.86
CA PHE A 254 2.50 -0.08 17.36
C PHE A 254 1.69 0.66 18.43
N ARG A 255 0.87 -0.04 19.21
CA ARG A 255 0.13 0.61 20.30
C ARG A 255 1.07 1.18 21.36
N ARG A 256 2.02 0.38 21.81
CA ARG A 256 2.99 0.84 22.81
C ARG A 256 3.67 2.14 22.35
N TYR A 257 3.97 2.25 21.05
CA TYR A 257 4.69 3.40 20.52
C TYR A 257 3.79 4.34 19.72
N SER A 258 2.49 4.33 20.00
CA SER A 258 1.59 5.11 19.17
C SER A 258 1.80 6.61 19.30
N SER A 259 2.52 7.07 20.34
CA SER A 259 2.79 8.50 20.46
C SER A 259 3.99 8.93 19.63
N VAL A 260 4.82 7.99 19.20
CA VAL A 260 5.96 8.28 18.33
C VAL A 260 5.59 8.11 16.85
N ILE A 261 4.70 7.17 16.53
CA ILE A 261 4.28 6.91 15.15
C ILE A 261 3.16 7.88 14.80
N ALA A 262 3.38 8.68 13.75
CA ALA A 262 2.44 9.68 13.28
C ALA A 262 1.63 9.24 12.07
N GLY A 263 1.95 8.07 11.50
CA GLY A 263 1.14 7.52 10.42
C GLY A 263 1.60 6.13 10.07
N GLN A 264 0.67 5.35 9.49
CA GLN A 264 1.03 4.05 8.92
C GLN A 264 0.50 3.98 7.49
N PHE A 265 1.31 3.47 6.57
CA PHE A 265 0.97 3.46 5.15
C PHE A 265 1.25 2.09 4.54
N TYR A 266 0.24 1.50 3.90
CA TYR A 266 0.38 0.16 3.34
C TYR A 266 -0.18 0.10 1.91
N GLY A 267 0.18 -0.98 1.20
CA GLY A 267 -0.44 -1.35 -0.09
C GLY A 267 -1.05 -2.75 -0.08
N HIS A 268 -0.74 -3.54 -1.10
CA HIS A 268 -1.05 -4.96 -1.21
C HIS A 268 -2.51 -5.27 -1.50
N THR A 269 -3.45 -4.61 -0.85
CA THR A 269 -4.84 -4.99 -1.10
C THR A 269 -5.40 -4.43 -2.40
N HIS A 270 -4.71 -3.45 -3.01
CA HIS A 270 -5.16 -2.83 -4.26
C HIS A 270 -6.48 -2.10 -4.06
N ARG A 271 -6.77 -1.67 -2.83
CA ARG A 271 -8.00 -0.96 -2.52
C ARG A 271 -7.70 0.27 -1.69
N ASP A 272 -8.68 1.16 -1.60
CA ASP A 272 -8.60 2.39 -0.80
C ASP A 272 -9.32 2.12 0.52
N SER A 273 -8.55 1.87 1.59
CA SER A 273 -9.12 1.52 2.88
C SER A 273 -8.51 2.36 3.99
N LEU A 274 -9.34 2.63 5.00
CA LEU A 274 -8.91 3.25 6.24
C LEU A 274 -8.90 2.22 7.35
N MET A 275 -7.98 2.38 8.30
CA MET A 275 -8.07 1.66 9.57
C MET A 275 -7.71 2.59 10.71
N VAL A 276 -8.24 2.31 11.89
CA VAL A 276 -7.89 3.11 13.06
C VAL A 276 -7.45 2.13 14.13
N LEU A 277 -6.17 2.17 14.47
CA LEU A 277 -5.65 1.31 15.52
C LEU A 277 -6.10 1.84 16.86
N SER A 278 -6.85 1.05 17.63
CA SER A 278 -7.25 1.43 18.97
C SER A 278 -6.69 0.44 19.98
N ASP A 279 -6.80 0.78 21.26
CA ASP A 279 -6.42 -0.14 22.32
C ASP A 279 -7.61 -1.03 22.65
N LYS A 280 -7.45 -1.89 23.66
CA LYS A 280 -8.48 -2.87 24.02
C LYS A 280 -9.78 -2.21 24.50
N ASN A 281 -9.72 -0.97 25.01
CA ASN A 281 -10.88 -0.28 25.57
C ASN A 281 -11.44 0.79 24.64
N GLY A 282 -11.15 0.71 23.36
CA GLY A 282 -11.76 1.62 22.40
C GLY A 282 -11.18 3.01 22.35
N ASN A 283 -9.94 3.23 22.86
CA ASN A 283 -9.32 4.55 22.69
C ASN A 283 -8.53 4.59 21.39
N PRO A 284 -8.83 5.52 20.48
CA PRO A 284 -8.16 5.54 19.18
C PRO A 284 -6.73 6.05 19.34
N LEU A 285 -5.79 5.37 18.69
CA LEU A 285 -4.37 5.57 18.93
C LEU A 285 -3.58 5.96 17.69
N ASN A 286 -3.89 5.41 16.51
CA ASN A 286 -2.97 5.74 15.46
C ASN A 286 -3.70 5.54 14.11
N SER A 287 -3.39 6.34 13.11
CA SER A 287 -4.15 6.26 11.86
C SER A 287 -3.40 5.46 10.80
N VAL A 288 -4.18 4.67 10.06
CA VAL A 288 -3.67 3.70 9.09
C VAL A 288 -4.33 3.91 7.72
N PHE A 289 -3.49 4.00 6.67
CA PHE A 289 -3.94 4.30 5.30
C PHE A 289 -3.44 3.25 4.33
N VAL A 290 -4.35 2.48 3.74
CA VAL A 290 -4.04 1.49 2.71
C VAL A 290 -4.36 2.13 1.36
N ALA A 291 -3.34 2.22 0.47
CA ALA A 291 -3.53 2.90 -0.80
C ALA A 291 -3.84 1.90 -1.91
N PRO A 292 -4.66 2.31 -2.88
CA PRO A 292 -4.97 1.43 -4.02
C PRO A 292 -3.83 1.36 -5.03
N ALA A 293 -3.91 0.33 -5.88
CA ALA A 293 -2.84 -0.03 -6.80
C ALA A 293 -2.87 0.86 -8.05
N VAL A 294 -1.72 0.97 -8.71
CA VAL A 294 -1.72 1.45 -10.09
C VAL A 294 -2.29 0.40 -11.04
N THR A 295 -1.98 -0.89 -10.81
CA THR A 295 -2.53 -1.93 -11.67
C THR A 295 -4.05 -2.04 -11.48
N PRO A 296 -4.82 -2.31 -12.56
CA PRO A 296 -6.25 -2.58 -12.42
C PRO A 296 -6.61 -4.06 -12.42
N VAL A 297 -5.60 -4.94 -12.36
CA VAL A 297 -5.80 -6.35 -12.68
C VAL A 297 -6.83 -7.00 -11.77
N LYS A 298 -7.60 -7.92 -12.33
CA LYS A 298 -8.46 -8.81 -11.56
C LYS A 298 -8.49 -10.17 -12.23
N GLY A 299 -8.92 -11.18 -11.46
CA GLY A 299 -9.14 -12.51 -12.01
C GLY A 299 -10.47 -12.62 -12.74
N VAL A 300 -10.59 -13.70 -13.52
CA VAL A 300 -11.76 -13.94 -14.37
C VAL A 300 -13.05 -13.79 -13.58
N LEU A 301 -13.13 -14.43 -12.42
CA LEU A 301 -14.41 -14.54 -11.72
C LEU A 301 -14.80 -13.29 -10.96
N GLN A 302 -13.82 -12.47 -10.53
CA GLN A 302 -14.13 -11.34 -9.65
C GLN A 302 -15.04 -10.31 -10.33
N LYS A 303 -15.98 -9.79 -9.54
CA LYS A 303 -16.95 -8.80 -10.02
C LYS A 303 -16.32 -7.44 -10.19
N GLU A 304 -15.59 -6.98 -9.17
CA GLU A 304 -15.08 -5.62 -9.10
C GLU A 304 -13.56 -5.61 -9.22
N THR A 305 -13.02 -4.44 -9.55
CA THR A 305 -11.59 -4.19 -9.42
C THR A 305 -11.41 -2.69 -9.14
N ASN A 306 -10.17 -2.22 -9.12
CA ASN A 306 -9.90 -0.81 -8.88
C ASN A 306 -9.57 -0.11 -10.19
N ASN A 307 -9.90 1.18 -10.26
CA ASN A 307 -9.20 2.06 -11.17
C ASN A 307 -7.78 2.30 -10.66
N PRO A 308 -6.84 2.57 -11.55
CA PRO A 308 -5.50 2.96 -11.10
C PRO A 308 -5.55 4.19 -10.22
N GLY A 309 -4.68 4.20 -9.20
CA GLY A 309 -4.65 5.30 -8.25
C GLY A 309 -3.24 5.66 -7.84
N VAL A 310 -3.06 6.94 -7.51
CA VAL A 310 -1.90 7.43 -6.78
C VAL A 310 -2.40 8.45 -5.75
N ARG A 311 -1.66 8.65 -4.66
CA ARG A 311 -2.20 9.54 -3.64
C ARG A 311 -1.11 10.40 -3.02
N LEU A 312 -1.55 11.48 -2.38
CA LEU A 312 -0.68 12.51 -1.80
C LEU A 312 -1.13 12.80 -0.38
N PHE A 313 -0.19 12.89 0.55
CA PHE A 313 -0.51 13.25 1.92
C PHE A 313 0.04 14.64 2.20
N GLN A 314 -0.71 15.39 3.01
CA GLN A 314 -0.34 16.71 3.52
C GLN A 314 -0.17 16.60 5.03
N TYR A 315 0.92 17.18 5.54
CA TYR A 315 1.27 17.12 6.95
C TYR A 315 1.79 18.47 7.42
N LYS A 316 1.83 18.63 8.75
CA LYS A 316 2.33 19.86 9.37
C LYS A 316 3.85 19.88 9.30
N PRO A 317 4.46 20.87 8.65
CA PRO A 317 5.93 20.96 8.65
C PRO A 317 6.51 20.87 10.06
N GLY A 318 7.66 20.20 10.18
CA GLY A 318 8.35 20.08 11.46
C GLY A 318 7.59 19.40 12.60
N ASP A 319 6.41 18.89 12.29
CA ASP A 319 5.48 18.36 13.29
C ASP A 319 5.02 16.97 12.87
N TYR A 320 4.61 16.85 11.60
CA TYR A 320 4.29 15.60 10.87
C TYR A 320 2.95 15.00 11.26
N THR A 321 2.13 15.74 12.01
CA THR A 321 0.72 15.37 12.11
C THR A 321 0.11 15.36 10.71
N LEU A 322 -0.65 14.31 10.41
CA LEU A 322 -1.28 14.18 9.09
C LEU A 322 -2.48 15.10 8.99
N LEU A 323 -2.45 16.00 8.00
CA LEU A 323 -3.49 17.00 7.79
C LEU A 323 -4.51 16.58 6.75
N ASP A 324 -4.10 15.97 5.64
CA ASP A 324 -5.07 15.63 4.60
C ASP A 324 -4.49 14.55 3.69
N MET A 325 -5.37 14.01 2.84
CA MET A 325 -4.96 13.07 1.82
C MET A 325 -5.76 13.34 0.54
N VAL A 326 -5.07 13.43 -0.59
CA VAL A 326 -5.69 13.64 -1.88
C VAL A 326 -5.51 12.36 -2.66
N GLN A 327 -6.61 11.75 -3.08
CA GLN A 327 -6.55 10.55 -3.89
C GLN A 327 -6.82 10.94 -5.34
N TYR A 328 -5.86 10.61 -6.21
CA TYR A 328 -5.97 10.74 -7.66
C TYR A 328 -6.22 9.37 -8.28
N TYR A 329 -6.85 9.37 -9.46
CA TYR A 329 -7.14 8.14 -10.15
C TYR A 329 -7.16 8.37 -11.66
N LEU A 330 -7.07 7.26 -12.38
CA LEU A 330 -7.28 7.24 -13.81
C LEU A 330 -8.55 6.43 -14.07
N ASN A 331 -9.58 7.09 -14.60
CA ASN A 331 -10.73 6.32 -15.10
C ASN A 331 -10.25 5.48 -16.29
N LEU A 332 -10.09 4.17 -16.09
CA LEU A 332 -9.47 3.35 -17.13
C LEU A 332 -10.33 3.25 -18.39
N THR A 333 -11.64 3.08 -18.25
CA THR A 333 -12.45 2.96 -19.46
C THR A 333 -12.36 4.22 -20.31
N GLU A 334 -12.46 5.39 -19.67
CA GLU A 334 -12.33 6.67 -20.36
C GLU A 334 -11.00 6.78 -21.11
N ALA A 335 -9.90 6.49 -20.41
CA ALA A 335 -8.58 6.63 -21.01
C ALA A 335 -8.38 5.67 -22.17
N ASN A 336 -8.85 4.42 -22.04
CA ASN A 336 -8.72 3.49 -23.16
C ASN A 336 -9.68 3.82 -24.30
N LEU A 337 -10.78 4.51 -24.02
CA LEU A 337 -11.70 4.83 -25.11
C LEU A 337 -11.14 5.95 -25.98
N LYS A 338 -10.40 6.91 -25.41
CA LYS A 338 -9.85 7.96 -26.28
C LYS A 338 -8.34 7.83 -26.54
N GLY A 339 -7.62 7.03 -25.77
CA GLY A 339 -6.20 6.82 -26.01
C GLY A 339 -5.29 7.85 -25.37
N GLU A 340 -5.82 8.61 -24.42
CA GLU A 340 -5.09 9.65 -23.72
C GLU A 340 -5.48 9.53 -22.25
N SER A 341 -4.49 9.66 -21.36
CA SER A 341 -4.83 9.58 -19.95
C SER A 341 -5.36 10.91 -19.45
N ASN A 342 -6.16 10.86 -18.38
CA ASN A 342 -6.59 12.08 -17.71
C ASN A 342 -6.57 11.77 -16.21
N TRP A 343 -5.36 11.60 -15.67
CA TRP A 343 -5.21 11.44 -14.23
C TRP A 343 -5.83 12.64 -13.54
N THR A 344 -6.65 12.37 -12.53
CA THR A 344 -7.49 13.43 -12.03
C THR A 344 -7.83 13.17 -10.57
N LEU A 345 -8.24 14.24 -9.90
CA LEU A 345 -8.55 14.16 -8.48
C LEU A 345 -9.82 13.36 -8.27
N GLU A 346 -9.74 12.32 -7.44
CA GLU A 346 -10.92 11.58 -7.00
C GLU A 346 -11.54 12.25 -5.78
N TYR A 347 -10.75 12.44 -4.72
CA TYR A 347 -11.31 13.16 -3.59
C TYR A 347 -10.21 13.67 -2.67
N VAL A 348 -10.56 14.70 -1.90
CA VAL A 348 -9.76 15.18 -0.78
C VAL A 348 -10.45 14.72 0.51
N LEU A 349 -9.71 14.05 1.39
CA LEU A 349 -10.36 13.25 2.43
C LEU A 349 -11.15 14.15 3.38
N THR A 350 -10.54 15.25 3.84
CA THR A 350 -11.23 16.16 4.76
C THR A 350 -12.53 16.66 4.15
N GLN A 351 -12.53 16.94 2.86
CA GLN A 351 -13.73 17.55 2.32
C GLN A 351 -14.73 16.51 1.82
N ALA A 352 -14.29 15.32 1.45
CA ALA A 352 -15.24 14.25 1.16
C ALA A 352 -15.98 13.82 2.42
N TYR A 353 -15.29 13.77 3.56
CA TYR A 353 -15.87 13.23 4.77
C TYR A 353 -16.17 14.30 5.83
N SER A 354 -15.85 15.56 5.56
CA SER A 354 -16.07 16.65 6.49
C SER A 354 -15.45 16.31 7.86
N VAL A 355 -14.15 16.09 7.84
CA VAL A 355 -13.32 15.87 9.06
C VAL A 355 -12.22 16.92 9.03
N ALA A 356 -11.79 17.31 10.21
CA ALA A 356 -10.77 18.36 10.40
C ALA A 356 -9.41 17.96 9.85
N ASP A 357 -9.05 16.68 9.96
CA ASP A 357 -7.69 16.17 9.64
C ASP A 357 -7.65 14.63 9.68
N LEU A 358 -6.45 14.06 9.62
CA LEU A 358 -6.26 12.58 9.56
C LEU A 358 -5.90 11.97 10.93
N GLN A 359 -6.08 12.75 11.99
CA GLN A 359 -5.75 12.29 13.35
C GLN A 359 -6.68 11.14 13.73
N PRO A 360 -6.27 10.20 14.61
CA PRO A 360 -7.10 9.08 14.97
C PRO A 360 -8.49 9.47 15.50
N LYS A 361 -8.58 10.56 16.26
CA LYS A 361 -9.88 11.01 16.80
C LYS A 361 -10.81 11.33 15.64
N SER A 362 -10.33 12.06 14.66
CA SER A 362 -11.13 12.43 13.46
C SER A 362 -11.65 11.18 12.74
N LEU A 363 -10.78 10.23 12.47
CA LEU A 363 -11.13 9.02 11.73
C LEU A 363 -12.00 8.09 12.56
N TYR A 364 -11.74 8.00 13.87
CA TYR A 364 -12.58 7.23 14.78
C TYR A 364 -14.02 7.71 14.75
N ALA A 365 -14.22 9.02 14.91
CA ALA A 365 -15.56 9.60 14.81
C ALA A 365 -16.18 9.31 13.45
N LEU A 366 -15.39 9.44 12.37
CA LEU A 366 -15.91 9.17 11.04
C LEU A 366 -16.39 7.71 10.90
N VAL A 367 -15.65 6.76 11.46
CA VAL A 367 -16.09 5.37 11.36
C VAL A 367 -17.37 5.15 12.14
N GLN A 368 -17.50 5.82 13.28
CA GLN A 368 -18.75 5.73 14.04
C GLN A 368 -19.90 6.22 13.15
N GLN A 369 -19.65 7.27 12.37
CA GLN A 369 -20.65 7.75 11.43
C GLN A 369 -20.98 6.67 10.38
N PHE A 370 -19.93 6.04 9.82
CA PHE A 370 -20.13 4.96 8.83
C PHE A 370 -21.09 3.90 9.34
N ALA A 371 -20.98 3.54 10.62
CA ALA A 371 -21.76 2.42 11.17
C ALA A 371 -23.27 2.69 11.27
N THR A 372 -23.69 3.96 11.29
CA THR A 372 -25.12 4.26 11.38
C THR A 372 -25.84 3.85 10.08
N LYS A 373 -27.13 3.52 10.21
CA LYS A 373 -27.87 2.98 9.07
C LYS A 373 -28.02 3.99 7.94
N ASP A 374 -27.90 3.48 6.72
CA ASP A 374 -27.99 4.28 5.47
C ASP A 374 -27.00 5.43 5.53
N SER A 375 -25.87 5.26 6.22
CA SER A 375 -24.88 6.36 6.24
C SER A 375 -24.42 6.68 4.81
N LYS A 376 -24.58 7.93 4.42
CA LYS A 376 -24.18 8.52 3.10
C LYS A 376 -22.64 8.48 3.00
N GLN A 377 -21.97 8.71 4.13
CA GLN A 377 -20.50 8.65 4.21
C GLN A 377 -20.00 7.23 3.88
N PHE A 378 -20.62 6.19 4.45
CA PHE A 378 -20.17 4.82 4.15
C PHE A 378 -20.39 4.49 2.67
N LEU A 379 -21.51 4.94 2.10
CA LEU A 379 -21.81 4.67 0.68
C LEU A 379 -20.70 5.27 -0.18
N LYS A 380 -20.28 6.49 0.13
CA LYS A 380 -19.18 7.12 -0.62
C LYS A 380 -17.89 6.33 -0.39
N TYR A 381 -17.64 5.99 0.86
CA TYR A 381 -16.42 5.24 1.17
C TYR A 381 -16.35 3.96 0.35
N TYR A 382 -17.45 3.21 0.30
CA TYR A 382 -17.48 1.95 -0.41
C TYR A 382 -17.25 2.18 -1.90
N HIS A 383 -17.77 3.28 -2.45
CA HIS A 383 -17.49 3.56 -3.85
C HIS A 383 -16.00 3.88 -4.08
N TYR A 384 -15.40 4.62 -3.15
CA TYR A 384 -13.98 4.99 -3.22
C TYR A 384 -13.07 3.80 -2.95
N TYR A 385 -13.61 2.77 -2.30
CA TYR A 385 -12.87 1.55 -2.03
C TYR A 385 -12.32 0.96 -3.31
N PHE A 386 -13.13 0.95 -4.38
CA PHE A 386 -12.71 0.44 -5.68
C PHE A 386 -12.16 1.55 -6.57
N VAL A 387 -11.85 2.70 -5.98
CA VAL A 387 -11.33 3.87 -6.67
C VAL A 387 -12.34 4.21 -7.77
N SER A 388 -13.63 4.23 -7.41
CA SER A 388 -14.73 4.67 -8.28
C SER A 388 -14.87 3.83 -9.55
N TYR A 389 -14.36 2.59 -9.52
CA TYR A 389 -14.53 1.69 -10.67
C TYR A 389 -16.00 1.46 -10.98
N ASP A 390 -16.84 1.30 -9.96
CA ASP A 390 -18.25 0.93 -10.11
C ASP A 390 -19.10 1.77 -9.18
N SER A 391 -19.73 2.83 -9.70
CA SER A 391 -20.57 3.69 -8.88
C SER A 391 -21.89 3.05 -8.50
N SER A 392 -22.26 1.92 -9.11
CA SER A 392 -23.47 1.21 -8.73
C SER A 392 -23.20 0.06 -7.75
N ALA A 393 -21.97 -0.04 -7.25
CA ALA A 393 -21.61 -1.15 -6.37
C ALA A 393 -22.35 -1.05 -5.04
N THR A 394 -22.82 -2.20 -4.55
CA THR A 394 -23.64 -2.30 -3.34
C THR A 394 -22.91 -3.09 -2.26
N CYS A 395 -23.11 -2.68 -1.01
CA CYS A 395 -22.56 -3.38 0.15
C CYS A 395 -23.73 -3.64 1.09
N ASP A 396 -24.24 -4.89 1.10
CA ASP A 396 -25.36 -5.24 1.95
C ASP A 396 -24.94 -5.25 3.42
N GLN A 397 -25.86 -5.62 4.32
CA GLN A 397 -25.55 -5.47 5.75
C GLN A 397 -24.37 -6.32 6.19
N HIS A 398 -24.27 -7.56 5.69
CA HIS A 398 -23.13 -8.40 6.01
C HIS A 398 -21.84 -7.78 5.49
N CYS A 399 -21.86 -7.31 4.24
CA CYS A 399 -20.68 -6.65 3.67
C CYS A 399 -20.29 -5.43 4.50
N LYS A 400 -21.27 -4.62 4.87
CA LYS A 400 -21.02 -3.39 5.65
C LYS A 400 -20.43 -3.73 7.02
N THR A 401 -20.96 -4.73 7.68
CA THR A 401 -20.43 -5.15 9.00
C THR A 401 -18.97 -5.57 8.85
N LEU A 402 -18.64 -6.32 7.81
CA LEU A 402 -17.24 -6.76 7.57
C LEU A 402 -16.34 -5.54 7.38
N GLN A 403 -16.76 -4.58 6.56
CA GLN A 403 -15.94 -3.38 6.30
C GLN A 403 -15.76 -2.54 7.56
N VAL A 404 -16.85 -2.22 8.26
CA VAL A 404 -16.78 -1.34 9.45
C VAL A 404 -16.01 -2.04 10.59
N CYS A 405 -16.16 -3.34 10.73
CA CYS A 405 -15.42 -4.01 11.80
C CYS A 405 -13.94 -4.08 11.48
N ALA A 406 -13.58 -4.30 10.21
CA ALA A 406 -12.17 -4.30 9.84
C ALA A 406 -11.57 -2.90 9.88
N ILE A 407 -12.36 -1.87 9.59
CA ILE A 407 -11.86 -0.50 9.70
C ILE A 407 -11.53 -0.15 11.15
N MET A 408 -12.41 -0.53 12.08
CA MET A 408 -12.28 -0.05 13.45
C MET A 408 -11.50 -1.00 14.36
N ASN A 409 -11.33 -2.27 13.99
CA ASN A 409 -10.82 -3.29 14.91
C ASN A 409 -9.70 -4.10 14.25
N LEU A 410 -8.47 -3.80 14.64
CA LEU A 410 -7.30 -4.39 13.99
C LEU A 410 -6.83 -5.66 14.66
N ASP A 411 -7.17 -5.85 15.95
CA ASP A 411 -6.74 -6.99 16.75
C ASP A 411 -7.85 -8.02 16.83
N SER A 412 -7.46 -9.28 17.04
CA SER A 412 -8.41 -10.39 16.88
C SER A 412 -9.58 -10.29 17.85
N MET A 413 -9.32 -9.94 19.11
CA MET A 413 -10.38 -9.93 20.13
C MET A 413 -11.43 -8.87 19.86
N SER A 414 -11.01 -7.63 19.63
CA SER A 414 -11.99 -6.60 19.37
C SER A 414 -12.72 -6.83 18.04
N TYR A 415 -12.03 -7.39 17.03
CA TYR A 415 -12.70 -7.70 15.77
C TYR A 415 -13.79 -8.74 15.95
N ASP A 416 -13.49 -9.81 16.70
CA ASP A 416 -14.53 -10.80 16.99
C ASP A 416 -15.69 -10.17 17.75
N ASP A 417 -15.38 -9.37 18.78
CA ASP A 417 -16.43 -8.65 19.49
C ASP A 417 -17.32 -7.88 18.53
N CYS A 418 -16.70 -7.19 17.58
CA CYS A 418 -17.44 -6.35 16.65
C CYS A 418 -18.38 -7.18 15.78
N LEU A 419 -17.89 -8.31 15.29
CA LEU A 419 -18.75 -9.16 14.46
C LEU A 419 -19.91 -9.74 15.27
N LYS A 420 -19.64 -10.18 16.51
CA LYS A 420 -20.71 -10.71 17.36
C LYS A 420 -21.84 -9.71 17.52
N GLN A 421 -21.52 -8.43 17.70
CA GLN A 421 -22.51 -7.40 17.91
C GLN A 421 -23.12 -6.87 16.62
N HIS A 422 -22.72 -7.38 15.46
CA HIS A 422 -23.25 -6.82 14.23
C HIS A 422 -23.64 -7.89 13.23
C1 NAG B . -15.41 6.57 -16.30
C2 NAG B . -16.61 7.00 -15.49
C3 NAG B . -17.84 6.23 -15.96
C4 NAG B . -18.01 6.36 -17.47
C5 NAG B . -16.70 6.04 -18.19
C6 NAG B . -16.75 6.33 -19.67
C7 NAG B . -16.59 7.70 -13.13
C8 NAG B . -16.24 7.29 -11.73
N2 NAG B . -16.36 6.78 -14.07
O3 NAG B . -18.99 6.74 -15.29
O4 NAG B . -18.96 5.40 -17.91
O5 NAG B . -15.63 6.83 -17.65
O6 NAG B . -17.03 7.71 -19.90
O7 NAG B . -17.06 8.80 -13.40
C1 NAG B . -19.98 5.96 -18.72
C2 NAG B . -20.58 4.86 -19.61
C3 NAG B . -21.86 5.27 -20.33
C4 NAG B . -22.85 5.85 -19.30
C5 NAG B . -22.17 7.01 -18.60
C6 NAG B . -23.06 7.67 -17.57
C7 NAG B . -18.97 3.29 -20.65
C8 NAG B . -17.97 3.07 -21.76
N2 NAG B . -19.56 4.46 -20.64
O3 NAG B . -22.42 4.14 -20.98
O4 NAG B . -24.06 6.26 -19.92
O5 NAG B . -21.04 6.49 -17.91
O6 NAG B . -23.71 6.70 -16.75
O7 NAG B . -19.19 2.41 -19.83
C1 NAG C . -11.42 -15.16 -27.08
C2 NAG C . -11.90 -16.58 -26.96
C3 NAG C . -12.06 -17.21 -28.34
C4 NAG C . -13.03 -16.37 -29.16
C5 NAG C . -12.54 -14.92 -29.25
C6 NAG C . -13.55 -14.00 -29.91
C7 NAG C . -11.13 -17.50 -24.81
C8 NAG C . -10.11 -18.34 -24.11
N2 NAG C . -10.99 -17.37 -26.13
O3 NAG C . -12.52 -18.54 -28.22
O4 NAG C . -13.17 -16.90 -30.48
O5 NAG C . -12.33 -14.40 -27.93
O6 NAG C . -14.83 -14.06 -29.30
O7 NAG C . -12.06 -16.95 -24.20
C1 NAG D . 16.56 3.34 24.45
C2 NAG D . 17.38 2.22 25.08
C3 NAG D . 18.33 2.77 26.16
C4 NAG D . 19.16 3.93 25.62
C5 NAG D . 18.22 4.99 25.06
C6 NAG D . 18.95 6.20 24.47
C7 NAG D . 16.24 0.04 25.10
C8 NAG D . 15.29 -0.85 25.84
N2 NAG D . 16.49 1.22 25.66
O3 NAG D . 19.19 1.72 26.58
O4 NAG D . 19.92 4.49 26.69
O5 NAG D . 17.43 4.40 24.01
O6 NAG D . 19.69 5.90 23.30
O7 NAG D . 16.76 -0.30 24.04
C1 NAG E . 11.29 -0.24 -18.81
C2 NAG E . 12.36 0.57 -19.57
C3 NAG E . 11.77 1.24 -20.81
C4 NAG E . 11.01 0.24 -21.67
C5 NAG E . 9.97 -0.50 -20.84
C6 NAG E . 9.22 -1.55 -21.65
C7 NAG E . 14.17 1.44 -18.15
C8 NAG E . 14.62 2.56 -17.27
N2 NAG E . 12.96 1.57 -18.70
O3 NAG E . 12.82 1.81 -21.56
O4 NAG E . 10.36 0.93 -22.73
O5 NAG E . 10.59 -1.16 -19.73
O6 NAG E . 9.27 -2.87 -21.12
O7 NAG E . 14.88 0.45 -18.36
ZN ZN F . 0.98 -7.96 -2.69
ZN ZN G . -0.01 -6.30 -5.49
S SO4 H . -1.12 -9.58 -4.72
O1 SO4 H . -0.83 -8.51 -5.68
O2 SO4 H . 0.00 -9.63 -3.76
O3 SO4 H . -2.41 -9.31 -4.07
O4 SO4 H . -1.16 -10.90 -5.39
#